data_9DOI
#
_entry.id   9DOI
#
_cell.length_a   114.295
_cell.length_b   114.295
_cell.length_c   219.824
_cell.angle_alpha   90.000
_cell.angle_beta   90.000
_cell.angle_gamma   90.000
#
_symmetry.space_group_name_H-M   'I 41 2 2'
#
loop_
_entity.id
_entity.type
_entity.pdbx_description
1 polymer 'Papain-like protease nsp3'
2 non-polymer 2-methyl-N-{(1S)-1-[(2P)-2-(1-methyl-1H-pyrazol-4-yl)quinolin-4-yl]ethyl}-5-{[(2S)-1-methylpyrrolidin-2-yl]methoxy}benzamide
3 non-polymer DI(HYDROXYETHYL)ETHER
4 non-polymer 'ACETATE ION'
5 non-polymer 'CHLORIDE ION'
6 non-polymer 'ZINC ION'
7 water water
#
_entity_poly.entity_id   1
_entity_poly.type   'polypeptide(L)'
_entity_poly.pdbx_seq_one_letter_code
;SNAEVRTIKVFTTVDNINLHTQVVDMSMTYGQQFGPTYLDGADVTKIKPHNSHEGKTFYVLPNDDTLRVEAFEYYHTTDP
SFLGRYMSALNHTKKWKYPQVNGLTSIKWADNNCYLATALLTLQQIELKFNPPALQDAYYRARAGEAANFCALILAYCNK
TVGELGDVRETMSYLFQHANLDSCKRVLNVVCKTCGQQQTTLKGVEAVMYMGTLSYEQFKKGVQIPCTCGKQATKYLVQQ
ESPFVMMSAPPAQYELKHGTFTCASEYTGNYQCGHYKHITSKETLYCIDGALLTKSSEYKGPITDVFYKENSYTTTIK
;
_entity_poly.pdbx_strand_id   A
#
# COMPACT_ATOMS: atom_id res chain seq x y z
N THR A 7 -19.12 11.39 36.73
CA THR A 7 -18.67 12.28 35.66
C THR A 7 -17.14 12.24 35.51
N ILE A 8 -16.68 11.61 34.42
CA ILE A 8 -15.27 11.52 34.10
C ILE A 8 -14.99 12.45 32.91
N LYS A 9 -13.71 12.79 32.75
CA LYS A 9 -13.26 13.73 31.73
C LYS A 9 -12.38 13.00 30.72
N VAL A 10 -12.68 13.15 29.44
CA VAL A 10 -12.00 12.41 28.38
C VAL A 10 -11.53 13.39 27.31
N PHE A 11 -10.78 12.86 26.35
CA PHE A 11 -10.32 13.59 25.17
C PHE A 11 -10.88 12.93 23.92
N THR A 12 -11.51 13.73 23.06
CA THR A 12 -11.97 13.27 21.76
C THR A 12 -11.05 13.81 20.68
N THR A 13 -10.97 13.06 19.58
CA THR A 13 -10.10 13.44 18.48
C THR A 13 -10.51 12.66 17.23
N VAL A 14 -10.09 13.16 16.08
CA VAL A 14 -10.17 12.41 14.84
C VAL A 14 -8.80 12.09 14.25
N ASP A 15 -7.73 12.77 14.69
CA ASP A 15 -6.40 12.59 14.13
C ASP A 15 -5.36 12.22 15.18
N ASN A 16 -5.74 12.11 16.45
CA ASN A 16 -4.82 11.89 17.56
C ASN A 16 -3.72 12.96 17.61
N ILE A 17 -3.99 14.14 17.04
CA ILE A 17 -3.07 15.27 17.09
C ILE A 17 -3.77 16.41 17.80
N ASN A 18 -4.88 16.88 17.24
CA ASN A 18 -5.70 17.90 17.86
C ASN A 18 -6.68 17.21 18.81
N LEU A 19 -6.43 17.32 20.11
CA LEU A 19 -7.27 16.70 21.13
C LEU A 19 -8.26 17.74 21.66
N HIS A 20 -9.53 17.33 21.74
CA HIS A 20 -10.61 18.22 22.19
C HIS A 20 -11.14 17.69 23.51
N THR A 21 -11.12 18.54 24.54
CA THR A 21 -11.45 18.10 25.89
C THR A 21 -12.96 18.07 26.09
N GLN A 22 -13.40 16.98 26.74
CA GLN A 22 -14.85 16.79 26.92
C GLN A 22 -15.15 16.19 28.30
N VAL A 23 -16.29 16.55 28.88
CA VAL A 23 -16.76 16.07 30.17
C VAL A 23 -18.00 15.21 29.93
N VAL A 24 -18.01 14.01 30.50
CA VAL A 24 -19.05 13.03 30.20
C VAL A 24 -19.76 12.62 31.48
N ASP A 25 -20.97 12.08 31.30
CA ASP A 25 -21.74 11.47 32.38
C ASP A 25 -21.67 9.96 32.26
N MET A 26 -21.50 9.30 33.39
CA MET A 26 -21.32 7.84 33.42
C MET A 26 -22.62 7.06 33.24
N SER A 27 -23.77 7.72 33.15
CA SER A 27 -25.04 7.04 32.97
C SER A 27 -25.43 6.90 31.50
N MET A 28 -24.99 7.83 30.66
CA MET A 28 -25.27 7.80 29.23
C MET A 28 -24.11 7.13 28.50
N THR A 29 -24.45 6.30 27.51
CA THR A 29 -23.44 5.65 26.70
C THR A 29 -22.69 6.68 25.87
N TYR A 30 -21.47 6.32 25.47
CA TYR A 30 -20.64 7.23 24.69
C TYR A 30 -21.34 7.68 23.41
N GLY A 31 -22.03 6.75 22.74
CA GLY A 31 -22.73 7.11 21.52
C GLY A 31 -23.84 8.11 21.73
N GLN A 32 -24.46 8.09 22.91
CA GLN A 32 -25.51 9.06 23.21
C GLN A 32 -24.95 10.47 23.35
N GLN A 33 -23.68 10.60 23.72
CA GLN A 33 -23.07 11.89 24.00
C GLN A 33 -22.16 12.39 22.87
N PHE A 34 -21.39 11.49 22.25
CA PHE A 34 -20.42 11.88 21.25
C PHE A 34 -20.75 11.40 19.84
N GLY A 35 -21.66 10.45 19.69
CA GLY A 35 -21.82 9.74 18.45
C GLY A 35 -20.96 8.50 18.44
N PRO A 36 -20.75 7.90 17.26
CA PRO A 36 -19.84 6.74 17.18
C PRO A 36 -18.48 7.04 17.78
N THR A 37 -18.13 6.33 18.85
CA THR A 37 -16.90 6.56 19.58
C THR A 37 -16.11 5.25 19.63
N TYR A 38 -14.79 5.37 19.55
CA TYR A 38 -13.91 4.20 19.54
C TYR A 38 -12.80 4.37 20.56
N LEU A 39 -12.26 3.25 21.01
CA LEU A 39 -11.10 3.23 21.88
C LEU A 39 -10.14 2.16 21.37
N ASP A 40 -9.02 2.59 20.79
CA ASP A 40 -8.02 1.67 20.23
C ASP A 40 -8.64 0.68 19.26
N GLY A 41 -9.55 1.16 18.40
CA GLY A 41 -10.20 0.32 17.42
C GLY A 41 -11.46 -0.38 17.89
N ALA A 42 -11.73 -0.38 19.19
CA ALA A 42 -12.89 -1.08 19.73
C ALA A 42 -14.08 -0.13 19.81
N ASP A 43 -15.18 -0.51 19.16
CA ASP A 43 -16.39 0.30 19.14
C ASP A 43 -16.94 0.45 20.56
N VAL A 44 -16.83 1.64 21.13
CA VAL A 44 -17.29 1.90 22.49
C VAL A 44 -18.56 2.76 22.45
N THR A 45 -19.34 2.65 21.37
CA THR A 45 -20.56 3.44 21.24
C THR A 45 -21.60 3.01 22.26
N LYS A 46 -21.89 1.71 22.34
CA LYS A 46 -22.93 1.19 23.20
C LYS A 46 -22.46 0.90 24.61
N ILE A 47 -21.17 1.09 24.90
CA ILE A 47 -20.67 0.93 26.26
C ILE A 47 -20.83 2.24 27.02
N LYS A 48 -20.84 2.15 28.33
CA LYS A 48 -20.95 3.29 29.20
C LYS A 48 -19.59 3.67 29.76
N PRO A 49 -19.40 4.94 30.15
CA PRO A 49 -18.09 5.37 30.70
C PRO A 49 -17.67 4.62 31.94
N HIS A 50 -16.64 3.79 31.83
CA HIS A 50 -16.02 3.17 32.99
C HIS A 50 -14.97 4.13 33.56
N ASN A 51 -14.37 3.74 34.69
CA ASN A 51 -13.51 4.65 35.43
C ASN A 51 -12.04 4.61 34.98
N SER A 52 -11.57 3.50 34.42
CA SER A 52 -10.26 3.51 33.79
C SER A 52 -10.22 4.42 32.56
N HIS A 53 -11.38 4.70 31.95
CA HIS A 53 -11.48 5.58 30.79
C HIS A 53 -11.11 7.03 31.10
N GLU A 54 -10.88 7.37 32.38
CA GLU A 54 -10.53 8.73 32.76
C GLU A 54 -9.24 9.17 32.08
N GLY A 55 -9.30 10.28 31.36
CA GLY A 55 -8.14 10.86 30.70
C GLY A 55 -7.76 10.26 29.37
N LYS A 56 -8.19 9.03 29.08
CA LYS A 56 -7.85 8.40 27.82
C LYS A 56 -8.42 9.20 26.65
N THR A 57 -7.85 8.98 25.47
CA THR A 57 -8.23 9.69 24.25
C THR A 57 -9.02 8.76 23.35
N PHE A 58 -10.19 9.21 22.92
CA PHE A 58 -11.11 8.43 22.09
C PHE A 58 -11.21 9.02 20.69
N TYR A 59 -11.29 8.16 19.69
CA TYR A 59 -11.61 8.57 18.33
C TYR A 59 -13.11 8.70 18.16
N VAL A 60 -13.55 9.78 17.50
CA VAL A 60 -14.96 10.02 17.28
C VAL A 60 -15.21 10.31 15.81
N LEU A 61 -16.39 9.92 15.32
CA LEU A 61 -16.79 10.29 13.98
C LEU A 61 -17.07 11.80 13.94
N PRO A 62 -16.59 12.49 12.91
CA PRO A 62 -16.77 13.96 12.87
C PRO A 62 -18.24 14.35 12.83
N ASN A 63 -18.62 15.27 13.72
CA ASN A 63 -20.00 15.73 13.82
C ASN A 63 -20.11 17.26 13.94
N ASP A 64 -19.01 17.99 13.77
CA ASP A 64 -19.05 19.43 13.58
C ASP A 64 -18.00 19.81 12.53
N ASP A 65 -18.00 21.08 12.15
CA ASP A 65 -17.15 21.50 11.04
C ASP A 65 -15.67 21.46 11.42
N THR A 66 -15.34 21.79 12.67
CA THR A 66 -13.96 21.69 13.12
C THR A 66 -13.44 20.28 12.98
N LEU A 67 -14.22 19.29 13.41
CA LEU A 67 -13.79 17.91 13.30
C LEU A 67 -13.78 17.44 11.85
N ARG A 68 -14.72 17.93 11.04
CA ARG A 68 -14.73 17.55 9.63
C ARG A 68 -13.49 18.06 8.91
N VAL A 69 -13.08 19.29 9.20
CA VAL A 69 -11.90 19.86 8.56
C VAL A 69 -10.64 19.14 9.03
N GLU A 70 -10.51 18.91 10.33
CA GLU A 70 -9.37 18.17 10.84
C GLU A 70 -9.32 16.76 10.28
N ALA A 71 -10.49 16.15 10.06
CA ALA A 71 -10.53 14.80 9.49
C ALA A 71 -10.00 14.77 8.07
N PHE A 72 -10.30 15.81 7.27
CA PHE A 72 -9.77 15.82 5.92
C PHE A 72 -8.28 16.16 5.91
N GLU A 73 -7.85 17.09 6.75
CA GLU A 73 -6.44 17.46 6.79
C GLU A 73 -5.56 16.25 6.98
N TYR A 74 -5.99 15.32 7.83
CA TYR A 74 -5.17 14.18 8.17
C TYR A 74 -5.35 13.01 7.21
N TYR A 75 -6.58 12.73 6.78
CA TYR A 75 -6.84 11.53 5.98
C TYR A 75 -7.07 11.81 4.50
N HIS A 76 -7.41 13.05 4.15
CA HIS A 76 -7.72 13.43 2.77
C HIS A 76 -8.91 12.63 2.23
N THR A 77 -9.92 12.44 3.07
CA THR A 77 -11.17 11.84 2.62
C THR A 77 -12.32 12.42 3.45
N THR A 78 -13.47 12.57 2.80
CA THR A 78 -14.70 12.93 3.49
C THR A 78 -15.66 11.77 3.63
N ASP A 79 -15.24 10.57 3.25
CA ASP A 79 -16.06 9.37 3.37
C ASP A 79 -16.42 9.14 4.84
N PRO A 80 -17.70 9.19 5.20
CA PRO A 80 -18.08 8.95 6.60
C PRO A 80 -17.80 7.55 7.08
N SER A 81 -17.68 6.58 6.16
CA SER A 81 -17.41 5.20 6.55
C SER A 81 -15.94 4.94 6.83
N PHE A 82 -15.06 5.90 6.51
CA PHE A 82 -13.63 5.62 6.58
C PHE A 82 -13.20 5.31 8.00
N LEU A 83 -13.67 6.10 8.96
CA LEU A 83 -13.24 5.92 10.35
C LEU A 83 -13.63 4.53 10.86
N GLY A 84 -14.85 4.09 10.56
CA GLY A 84 -15.29 2.78 11.02
C GLY A 84 -14.52 1.64 10.38
N ARG A 85 -14.29 1.72 9.07
CA ARG A 85 -13.50 0.70 8.39
C ARG A 85 -12.06 0.70 8.89
N TYR A 86 -11.52 1.90 9.16
CA TYR A 86 -10.18 2.01 9.75
C TYR A 86 -10.14 1.36 11.13
N MET A 87 -11.05 1.76 12.02
CA MET A 87 -11.05 1.22 13.37
C MET A 87 -11.31 -0.28 13.39
N SER A 88 -12.15 -0.77 12.48
CA SER A 88 -12.44 -2.21 12.43
CA SER A 88 -12.44 -2.21 12.43
C SER A 88 -11.21 -3.01 12.04
N ALA A 89 -10.43 -2.51 11.07
CA ALA A 89 -9.22 -3.21 10.67
C ALA A 89 -8.14 -3.13 11.75
N LEU A 90 -8.04 -1.99 12.43
CA LEU A 90 -7.01 -1.82 13.46
C LEU A 90 -7.19 -2.83 14.59
N ASN A 91 -8.44 -3.18 14.92
CA ASN A 91 -8.68 -4.17 15.97
C ASN A 91 -7.93 -5.47 15.71
N HIS A 92 -7.86 -5.89 14.43
CA HIS A 92 -7.11 -7.09 14.08
C HIS A 92 -5.62 -6.80 13.98
N THR A 93 -5.25 -5.75 13.23
CA THR A 93 -3.84 -5.58 12.87
C THR A 93 -2.95 -5.33 14.08
N LYS A 94 -3.50 -4.75 15.15
CA LYS A 94 -2.70 -4.58 16.35
C LYS A 94 -2.48 -5.89 17.09
N LYS A 95 -3.18 -6.96 16.69
CA LYS A 95 -2.93 -8.28 17.25
C LYS A 95 -1.98 -9.12 16.41
N TRP A 96 -1.67 -8.67 15.19
CA TRP A 96 -0.67 -9.34 14.38
C TRP A 96 0.73 -9.11 14.94
N LYS A 97 1.68 -9.93 14.49
CA LYS A 97 3.08 -9.79 14.88
C LYS A 97 3.88 -9.24 13.71
N TYR A 98 4.82 -8.34 14.01
CA TYR A 98 5.59 -7.63 13.00
C TYR A 98 7.08 -7.84 13.23
N PRO A 99 7.59 -9.03 12.93
CA PRO A 99 9.00 -9.32 13.20
C PRO A 99 9.92 -8.63 12.20
N GLN A 100 11.14 -8.33 12.63
CA GLN A 100 12.17 -7.86 11.73
C GLN A 100 12.81 -9.04 11.01
N VAL A 101 12.81 -9.00 9.68
CA VAL A 101 13.35 -10.07 8.86
C VAL A 101 14.33 -9.43 7.86
N ASN A 102 15.62 -9.76 8.00
CA ASN A 102 16.66 -9.25 7.11
C ASN A 102 16.67 -7.72 7.11
N GLY A 103 16.46 -7.14 8.28
CA GLY A 103 16.42 -5.70 8.45
C GLY A 103 15.15 -5.02 7.98
N LEU A 104 14.10 -5.78 7.64
CA LEU A 104 12.85 -5.24 7.16
C LEU A 104 11.70 -5.68 8.06
N THR A 105 10.71 -4.80 8.22
CA THR A 105 9.53 -5.11 9.01
C THR A 105 8.57 -5.96 8.18
N SER A 106 8.21 -7.13 8.69
CA SER A 106 7.31 -8.04 8.01
C SER A 106 6.07 -8.25 8.89
N ILE A 107 5.23 -9.21 8.48
CA ILE A 107 4.05 -9.60 9.26
C ILE A 107 4.01 -11.12 9.37
N LYS A 108 3.84 -11.61 10.59
CA LYS A 108 3.58 -13.04 10.77
C LYS A 108 2.24 -13.40 10.17
N TRP A 109 2.17 -14.59 9.56
CA TRP A 109 0.94 -15.00 8.84
C TRP A 109 -0.29 -14.98 9.75
N ALA A 110 -1.38 -14.40 9.24
CA ALA A 110 -2.65 -14.34 9.96
C ALA A 110 -3.73 -13.74 9.05
N ASP A 111 -4.97 -14.20 9.15
CA ASP A 111 -6.11 -13.52 8.50
C ASP A 111 -5.85 -13.22 7.02
N ASN A 112 -5.14 -14.12 6.34
CA ASN A 112 -4.86 -13.99 4.91
C ASN A 112 -4.08 -12.72 4.58
N ASN A 113 -3.12 -12.35 5.43
CA ASN A 113 -2.41 -11.08 5.28
C ASN A 113 -1.15 -11.22 4.43
N CYS A 114 -1.03 -12.30 3.66
CA CYS A 114 0.19 -12.52 2.87
C CYS A 114 0.42 -11.39 1.89
N TYR A 115 -0.64 -10.87 1.27
CA TYR A 115 -0.47 -9.81 0.30
C TYR A 115 -0.12 -8.49 0.97
N LEU A 116 -0.59 -8.27 2.21
CA LEU A 116 -0.22 -7.06 2.94
C LEU A 116 1.25 -7.08 3.31
N ALA A 117 1.76 -8.23 3.78
CA ALA A 117 3.17 -8.33 4.10
C ALA A 117 4.03 -8.02 2.89
N THR A 118 3.66 -8.56 1.73
CA THR A 118 4.43 -8.33 0.52
C THR A 118 4.45 -6.85 0.15
N ALA A 119 3.30 -6.18 0.27
CA ALA A 119 3.25 -4.76 -0.02
C ALA A 119 4.05 -3.95 1.01
N LEU A 120 3.96 -4.34 2.28
CA LEU A 120 4.70 -3.64 3.32
C LEU A 120 6.21 -3.76 3.10
N LEU A 121 6.67 -4.96 2.72
CA LEU A 121 8.09 -5.15 2.45
C LEU A 121 8.54 -4.34 1.24
N THR A 122 7.70 -4.25 0.22
CA THR A 122 8.07 -3.52 -0.99
C THR A 122 8.20 -2.03 -0.72
N LEU A 123 7.30 -1.47 0.10
CA LEU A 123 7.31 -0.04 0.34
C LEU A 123 8.58 0.41 1.07
N GLN A 124 9.17 -0.47 1.89
CA GLN A 124 10.41 -0.15 2.58
C GLN A 124 11.63 -0.17 1.65
N GLN A 125 11.44 -0.46 0.36
CA GLN A 125 12.53 -0.55 -0.59
C GLN A 125 12.38 0.36 -1.81
N ILE A 126 11.31 1.17 -1.87
CA ILE A 126 11.13 2.13 -2.96
C ILE A 126 10.88 3.51 -2.36
N GLU A 127 11.17 4.53 -3.15
CA GLU A 127 11.06 5.92 -2.70
C GLU A 127 9.65 6.42 -2.97
N LEU A 128 8.96 6.85 -1.92
CA LEU A 128 7.55 7.20 -2.04
C LEU A 128 7.18 8.17 -0.92
N LYS A 129 6.46 9.22 -1.26
CA LYS A 129 5.94 10.16 -0.27
C LYS A 129 4.42 10.15 -0.36
N PHE A 130 3.76 9.83 0.76
CA PHE A 130 2.30 9.82 0.81
C PHE A 130 1.75 11.22 1.06
N ASN A 131 0.62 11.52 0.43
CA ASN A 131 -0.02 12.82 0.56
C ASN A 131 -0.79 12.98 1.87
N PRO A 132 -1.63 12.03 2.27
CA PRO A 132 -2.30 12.16 3.57
C PRO A 132 -1.30 12.05 4.70
N PRO A 133 -1.27 13.02 5.60
CA PRO A 133 -0.38 12.91 6.76
C PRO A 133 -0.60 11.65 7.58
N ALA A 134 -1.84 11.17 7.64
CA ALA A 134 -2.12 9.90 8.31
C ALA A 134 -1.30 8.77 7.71
N LEU A 135 -1.24 8.71 6.38
CA LEU A 135 -0.47 7.65 5.72
C LEU A 135 1.02 7.85 5.93
N GLN A 136 1.50 9.09 5.81
CA GLN A 136 2.94 9.35 5.92
C GLN A 136 3.43 9.10 7.34
N ASP A 137 2.65 9.52 8.34
CA ASP A 137 3.08 9.34 9.72
C ASP A 137 3.16 7.86 10.08
N ALA A 138 2.18 7.07 9.66
CA ALA A 138 2.18 5.65 9.99
C ALA A 138 3.21 4.90 9.17
N TYR A 139 3.47 5.37 7.95
CA TYR A 139 4.54 4.84 7.13
C TYR A 139 5.88 4.92 7.88
N TYR A 140 6.15 6.07 8.51
CA TYR A 140 7.38 6.23 9.28
C TYR A 140 7.41 5.28 10.47
N ARG A 141 6.34 5.25 11.26
CA ARG A 141 6.29 4.34 12.41
CA ARG A 141 6.33 4.34 12.41
C ARG A 141 6.44 2.88 11.97
N ALA A 142 5.99 2.56 10.76
CA ALA A 142 6.09 1.19 10.28
C ALA A 142 7.53 0.82 9.94
N ARG A 143 8.27 1.74 9.29
CA ARG A 143 9.67 1.49 9.02
C ARG A 143 10.46 1.28 10.30
N ALA A 144 9.98 1.82 11.41
CA ALA A 144 10.62 1.67 12.70
C ALA A 144 10.13 0.44 13.47
N GLY A 145 9.24 -0.36 12.88
CA GLY A 145 8.81 -1.61 13.47
C GLY A 145 7.39 -1.65 13.98
N GLU A 146 6.72 -0.51 14.11
CA GLU A 146 5.35 -0.44 14.61
C GLU A 146 4.42 -0.18 13.42
N ALA A 147 3.94 -1.26 12.80
CA ALA A 147 3.25 -1.20 11.53
C ALA A 147 1.76 -1.55 11.63
N ALA A 148 1.22 -1.66 12.84
CA ALA A 148 -0.20 -2.01 12.99
C ALA A 148 -1.09 -0.94 12.40
N ASN A 149 -0.83 0.33 12.72
CA ASN A 149 -1.64 1.43 12.20
C ASN A 149 -1.50 1.56 10.69
N PHE A 150 -0.30 1.34 10.17
CA PHE A 150 -0.08 1.46 8.72
C PHE A 150 -0.87 0.42 7.95
N CYS A 151 -0.92 -0.82 8.46
CA CYS A 151 -1.64 -1.89 7.78
C CYS A 151 -3.15 -1.65 7.82
N ALA A 152 -3.67 -1.15 8.95
CA ALA A 152 -5.09 -0.83 9.02
C ALA A 152 -5.46 0.27 8.03
N LEU A 153 -4.63 1.31 7.93
CA LEU A 153 -4.90 2.39 6.99
C LEU A 153 -4.90 1.89 5.54
N ILE A 154 -3.96 1.02 5.20
CA ILE A 154 -3.91 0.45 3.85
C ILE A 154 -5.22 -0.26 3.53
N LEU A 155 -5.74 -1.04 4.48
CA LEU A 155 -7.01 -1.72 4.28
C LEU A 155 -8.14 -0.72 4.07
N ALA A 156 -8.22 0.30 4.94
CA ALA A 156 -9.29 1.29 4.83
C ALA A 156 -9.21 2.03 3.50
N TYR A 157 -8.01 2.48 3.11
CA TYR A 157 -7.86 3.23 1.87
C TYR A 157 -8.14 2.37 0.64
N CYS A 158 -7.97 1.06 0.75
CA CYS A 158 -8.25 0.16 -0.37
C CYS A 158 -9.67 -0.42 -0.33
N ASN A 159 -10.48 -0.01 0.64
N ASN A 159 -10.47 -0.04 0.66
CA ASN A 159 -11.82 -0.56 0.85
CA ASN A 159 -11.82 -0.57 0.83
C ASN A 159 -11.79 -2.09 0.89
C ASN A 159 -11.81 -2.09 0.92
N LYS A 160 -10.84 -2.61 1.66
CA LYS A 160 -10.71 -4.03 1.90
C LYS A 160 -10.87 -4.28 3.40
N THR A 161 -11.31 -5.48 3.75
CA THR A 161 -11.51 -5.87 5.13
C THR A 161 -10.52 -6.97 5.50
N VAL A 162 -10.28 -7.09 6.81
CA VAL A 162 -9.43 -8.17 7.30
C VAL A 162 -10.00 -9.50 6.87
N GLY A 163 -9.15 -10.36 6.32
CA GLY A 163 -9.55 -11.66 5.84
C GLY A 163 -9.84 -11.71 4.35
N GLU A 164 -10.20 -10.59 3.75
CA GLU A 164 -10.47 -10.54 2.32
C GLU A 164 -9.21 -10.90 1.54
N LEU A 165 -9.41 -11.43 0.33
CA LEU A 165 -8.32 -11.86 -0.52
C LEU A 165 -7.81 -10.68 -1.33
N GLY A 166 -6.52 -10.40 -1.25
CA GLY A 166 -5.95 -9.19 -1.79
C GLY A 166 -4.90 -9.45 -2.84
N ASP A 167 -4.85 -8.57 -3.84
CA ASP A 167 -3.87 -8.58 -4.91
C ASP A 167 -2.84 -7.48 -4.66
N VAL A 168 -1.56 -7.83 -4.72
CA VAL A 168 -0.49 -6.88 -4.39
C VAL A 168 -0.43 -5.75 -5.42
N ARG A 169 -0.49 -6.08 -6.71
CA ARG A 169 -0.46 -5.05 -7.74
C ARG A 169 -1.61 -4.06 -7.57
N GLU A 170 -2.81 -4.57 -7.27
CA GLU A 170 -3.95 -3.70 -7.05
C GLU A 170 -3.76 -2.83 -5.81
N THR A 171 -3.17 -3.41 -4.77
CA THR A 171 -2.96 -2.64 -3.54
C THR A 171 -1.93 -1.54 -3.75
N MET A 172 -0.82 -1.84 -4.43
CA MET A 172 0.18 -0.82 -4.71
C MET A 172 -0.41 0.31 -5.54
N SER A 173 -1.27 -0.03 -6.51
CA SER A 173 -1.85 0.98 -7.37
C SER A 173 -2.72 1.95 -6.58
N TYR A 174 -3.59 1.42 -5.72
CA TYR A 174 -4.38 2.26 -4.82
C TYR A 174 -3.48 3.16 -3.99
N LEU A 175 -2.39 2.59 -3.45
CA LEU A 175 -1.48 3.36 -2.62
C LEU A 175 -0.75 4.42 -3.44
N PHE A 176 -0.32 4.07 -4.66
CA PHE A 176 0.37 5.04 -5.51
C PHE A 176 -0.50 6.25 -5.78
N GLN A 177 -1.81 6.05 -5.95
CA GLN A 177 -2.72 7.16 -6.21
C GLN A 177 -2.81 8.13 -5.03
N HIS A 178 -2.45 7.70 -3.82
CA HIS A 178 -2.40 8.56 -2.66
C HIS A 178 -0.99 9.05 -2.34
N ALA A 179 -0.09 9.02 -3.33
CA ALA A 179 1.28 9.47 -3.16
C ALA A 179 1.59 10.56 -4.18
N ASN A 180 2.68 11.29 -3.91
CA ASN A 180 3.11 12.36 -4.79
C ASN A 180 3.99 11.75 -5.89
N LEU A 181 3.35 11.41 -7.00
CA LEU A 181 4.05 10.93 -8.18
C LEU A 181 3.87 11.88 -9.35
N ASP A 182 3.67 13.18 -9.06
CA ASP A 182 3.52 14.17 -10.11
C ASP A 182 4.78 14.28 -10.97
N SER A 183 5.95 14.18 -10.33
CA SER A 183 7.20 14.27 -11.08
C SER A 183 7.38 13.14 -12.07
N CYS A 184 6.68 12.02 -11.88
CA CYS A 184 6.93 10.83 -12.69
C CYS A 184 6.36 10.99 -14.09
N LYS A 185 7.17 10.65 -15.09
CA LYS A 185 6.83 10.80 -16.50
C LYS A 185 7.32 9.60 -17.27
N ARG A 186 6.53 9.17 -18.25
CA ARG A 186 6.89 8.03 -19.11
C ARG A 186 6.47 8.35 -20.54
N VAL A 187 7.46 8.52 -21.41
CA VAL A 187 7.23 8.78 -22.83
C VAL A 187 7.36 7.45 -23.57
N LEU A 188 6.31 7.08 -24.27
CA LEU A 188 6.26 5.84 -25.03
C LEU A 188 6.14 6.13 -26.52
N ASN A 189 6.48 5.14 -27.33
CA ASN A 189 6.38 5.27 -28.78
C ASN A 189 5.83 3.98 -29.37
N VAL A 190 4.74 4.11 -30.12
CA VAL A 190 4.13 2.99 -30.82
C VAL A 190 4.33 3.19 -32.31
N VAL A 191 4.81 2.16 -33.00
CA VAL A 191 5.11 2.23 -34.43
C VAL A 191 4.27 1.18 -35.14
N CYS A 192 3.45 1.63 -36.09
CA CYS A 192 2.62 0.77 -36.90
C CYS A 192 3.07 0.84 -38.35
N LYS A 193 3.10 -0.32 -39.01
CA LYS A 193 3.58 -0.38 -40.39
C LYS A 193 2.72 0.47 -41.32
N THR A 194 1.43 0.62 -41.02
CA THR A 194 0.52 1.38 -41.86
C THR A 194 0.12 2.70 -41.23
N CYS A 195 -0.41 2.67 -40.00
CA CYS A 195 -0.84 3.92 -39.35
C CYS A 195 0.31 4.89 -39.20
N GLY A 196 1.50 4.39 -38.85
CA GLY A 196 2.66 5.22 -38.68
C GLY A 196 3.28 5.09 -37.31
N GLN A 197 3.81 6.19 -36.78
CA GLN A 197 4.45 6.22 -35.48
C GLN A 197 3.82 7.33 -34.66
N GLN A 198 3.44 7.01 -33.42
CA GLN A 198 2.76 7.96 -32.55
C GLN A 198 3.35 7.89 -31.15
N GLN A 199 3.47 9.05 -30.51
CA GLN A 199 4.10 9.18 -29.20
C GLN A 199 3.06 9.66 -28.19
N THR A 200 2.99 8.98 -27.05
CA THR A 200 2.15 9.37 -25.95
C THR A 200 2.98 9.43 -24.67
N THR A 201 2.62 10.39 -23.81
CA THR A 201 3.34 10.60 -22.54
C THR A 201 2.40 10.34 -21.37
N LEU A 202 2.85 9.56 -20.38
CA LEU A 202 2.07 9.25 -19.19
C LEU A 202 2.67 9.97 -17.98
N LYS A 203 1.79 10.27 -17.02
CA LYS A 203 2.25 10.93 -15.79
C LYS A 203 1.58 10.22 -14.60
N GLY A 204 2.15 10.36 -13.41
CA GLY A 204 1.58 9.79 -12.21
C GLY A 204 1.66 8.27 -12.17
N VAL A 205 0.55 7.65 -11.77
CA VAL A 205 0.56 6.23 -11.47
C VAL A 205 0.87 5.41 -12.73
N GLU A 206 0.34 5.83 -13.87
CA GLU A 206 0.56 5.06 -15.09
C GLU A 206 2.00 5.16 -15.59
N ALA A 207 2.77 6.12 -15.08
CA ALA A 207 4.17 6.23 -15.48
C ALA A 207 5.06 5.20 -14.82
N VAL A 208 4.62 4.61 -13.71
CA VAL A 208 5.46 3.71 -12.92
C VAL A 208 4.95 2.28 -12.94
N MET A 209 3.81 2.02 -13.57
CA MET A 209 3.26 0.67 -13.64
C MET A 209 3.09 0.24 -15.09
N TYR A 210 3.40 -1.01 -15.38
CA TYR A 210 3.07 -1.62 -16.66
C TYR A 210 2.59 -3.04 -16.43
N MET A 211 1.58 -3.44 -17.20
CA MET A 211 0.99 -4.76 -17.10
C MET A 211 1.23 -5.50 -18.40
N GLY A 212 1.92 -6.64 -18.33
CA GLY A 212 2.21 -7.42 -19.52
C GLY A 212 3.50 -8.19 -19.51
N THR A 213 4.56 -7.61 -18.95
CA THR A 213 5.85 -8.28 -18.89
C THR A 213 6.55 -7.92 -17.58
N LEU A 214 7.36 -8.86 -17.09
CA LEU A 214 8.14 -8.66 -15.87
C LEU A 214 9.47 -7.98 -16.12
N SER A 215 9.98 -8.02 -17.35
CA SER A 215 11.32 -7.55 -17.66
C SER A 215 11.29 -6.08 -18.04
N TYR A 216 12.01 -5.26 -17.27
CA TYR A 216 12.19 -3.85 -17.62
C TYR A 216 12.99 -3.70 -18.91
N GLU A 217 13.98 -4.58 -19.10
CA GLU A 217 14.74 -4.58 -20.35
C GLU A 217 13.85 -4.84 -21.55
N GLN A 218 12.97 -5.84 -21.44
CA GLN A 218 12.07 -6.16 -22.54
C GLN A 218 11.14 -4.98 -22.84
N PHE A 219 10.67 -4.29 -21.79
CA PHE A 219 9.88 -3.08 -22.00
C PHE A 219 10.69 -2.01 -22.70
N LYS A 220 12.00 -1.97 -22.47
CA LYS A 220 12.85 -1.01 -23.16
C LYS A 220 13.05 -1.40 -24.62
N LYS A 221 13.23 -2.69 -24.89
CA LYS A 221 13.40 -3.14 -26.27
C LYS A 221 12.09 -3.07 -27.05
N GLY A 222 10.95 -3.20 -26.38
CA GLY A 222 9.68 -3.13 -27.06
C GLY A 222 8.82 -4.36 -26.87
N VAL A 223 7.50 -4.18 -26.90
CA VAL A 223 6.55 -5.26 -26.72
C VAL A 223 5.50 -5.18 -27.82
N GLN A 224 4.90 -6.34 -28.13
CA GLN A 224 3.93 -6.45 -29.21
C GLN A 224 2.53 -6.10 -28.68
N ILE A 225 1.94 -5.03 -29.20
CA ILE A 225 0.61 -4.61 -28.81
C ILE A 225 -0.22 -4.38 -30.07
N PRO A 226 -1.51 -4.67 -30.06
CA PRO A 226 -2.33 -4.44 -31.25
C PRO A 226 -2.53 -2.94 -31.49
N CYS A 227 -2.70 -2.59 -32.75
CA CYS A 227 -2.95 -1.22 -33.16
C CYS A 227 -4.44 -1.02 -33.45
N THR A 228 -4.84 0.26 -33.53
CA THR A 228 -6.22 0.59 -33.86
C THR A 228 -6.62 0.11 -35.26
N CYS A 229 -5.67 -0.36 -36.07
CA CYS A 229 -5.95 -0.90 -37.39
C CYS A 229 -5.77 -2.42 -37.46
N GLY A 230 -5.23 -3.04 -36.41
CA GLY A 230 -5.00 -4.46 -36.40
C GLY A 230 -3.72 -4.87 -37.11
N GLN A 232 -0.93 -5.61 -35.58
CA GLN A 232 -0.05 -5.76 -34.41
C GLN A 232 1.17 -4.86 -34.54
N ALA A 233 1.26 -3.86 -33.66
CA ALA A 233 2.32 -2.88 -33.70
C ALA A 233 3.37 -3.19 -32.62
N THR A 234 4.23 -2.22 -32.32
CA THR A 234 5.26 -2.38 -31.30
C THR A 234 5.33 -1.09 -30.48
N LYS A 235 5.29 -1.21 -29.16
CA LYS A 235 5.47 -0.08 -28.27
C LYS A 235 6.73 -0.31 -27.45
N TYR A 236 7.49 0.75 -27.22
CA TYR A 236 8.72 0.67 -26.44
C TYR A 236 8.88 1.94 -25.61
N LEU A 237 9.72 1.84 -24.59
CA LEU A 237 9.95 2.96 -23.69
C LEU A 237 10.96 3.93 -24.29
N VAL A 238 10.60 5.20 -24.30
CA VAL A 238 11.48 6.26 -24.83
C VAL A 238 12.17 7.01 -23.70
N GLN A 239 11.41 7.51 -22.73
CA GLN A 239 11.98 8.20 -21.58
C GLN A 239 11.24 7.77 -20.33
N GLN A 240 11.96 7.74 -19.20
CA GLN A 240 11.39 7.37 -17.91
C GLN A 240 12.02 8.24 -16.82
N GLU A 241 11.19 8.99 -16.10
CA GLU A 241 11.66 9.90 -15.05
C GLU A 241 10.89 9.56 -13.77
N SER A 242 11.35 8.53 -13.07
CA SER A 242 10.70 8.13 -11.82
C SER A 242 11.72 7.47 -10.92
N PRO A 243 11.56 7.54 -9.60
CA PRO A 243 12.47 6.83 -8.70
C PRO A 243 12.38 5.31 -8.78
N PHE A 244 11.34 4.76 -9.42
CA PHE A 244 11.19 3.32 -9.54
C PHE A 244 10.20 3.03 -10.66
N VAL A 245 10.07 1.75 -10.99
CA VAL A 245 9.03 1.25 -11.88
C VAL A 245 8.56 -0.11 -11.36
N MET A 246 7.30 -0.42 -11.69
CA MET A 246 6.70 -1.72 -11.29
C MET A 246 6.25 -2.45 -12.55
N MET A 247 6.83 -3.61 -12.81
CA MET A 247 6.48 -4.46 -13.94
C MET A 247 5.68 -5.65 -13.44
N SER A 248 4.53 -5.88 -14.06
CA SER A 248 3.63 -6.95 -13.65
C SER A 248 3.23 -7.80 -14.85
N ALA A 249 2.95 -9.08 -14.57
CA ALA A 249 2.47 -10.03 -15.55
C ALA A 249 1.77 -11.14 -14.80
N PRO A 250 0.83 -11.86 -15.42
CA PRO A 250 0.17 -12.97 -14.74
C PRO A 250 1.19 -14.01 -14.32
N PRO A 251 0.98 -14.67 -13.18
CA PRO A 251 2.02 -15.55 -12.63
C PRO A 251 2.54 -16.54 -13.65
N ALA A 252 3.87 -16.58 -13.78
CA ALA A 252 4.54 -17.48 -14.68
C ALA A 252 5.93 -17.76 -14.13
N GLN A 253 6.52 -18.87 -14.58
CA GLN A 253 7.86 -19.22 -14.15
C GLN A 253 8.86 -18.20 -14.70
N TYR A 254 9.80 -17.78 -13.86
CA TYR A 254 10.68 -16.67 -14.16
C TYR A 254 11.96 -16.83 -13.36
N GLU A 255 13.09 -16.46 -13.96
CA GLU A 255 14.38 -16.52 -13.28
C GLU A 255 14.73 -15.12 -12.79
N LEU A 256 15.05 -15.00 -11.51
CA LEU A 256 15.52 -13.76 -10.91
C LEU A 256 17.00 -13.88 -10.61
N LYS A 257 17.79 -12.92 -11.10
CA LYS A 257 19.23 -12.95 -10.92
C LYS A 257 19.68 -11.83 -9.99
N HIS A 258 20.65 -12.15 -9.13
CA HIS A 258 21.12 -11.23 -8.10
C HIS A 258 21.66 -9.95 -8.72
N GLY A 259 21.15 -8.81 -8.25
CA GLY A 259 21.64 -7.51 -8.64
C GLY A 259 20.94 -6.86 -9.82
N THR A 260 19.99 -7.54 -10.45
CA THR A 260 19.29 -7.01 -11.62
C THR A 260 17.92 -6.42 -11.30
N PHE A 261 17.45 -6.55 -10.06
CA PHE A 261 16.14 -6.05 -9.66
C PHE A 261 16.20 -5.68 -8.19
N THR A 262 15.19 -4.93 -7.74
CA THR A 262 15.11 -4.57 -6.32
C THR A 262 14.37 -5.64 -5.52
N CYS A 263 13.11 -5.90 -5.85
CA CYS A 263 12.31 -6.90 -5.14
C CYS A 263 11.20 -7.36 -6.06
N ALA A 264 10.53 -8.45 -5.66
CA ALA A 264 9.57 -9.11 -6.53
C ALA A 264 8.52 -9.85 -5.71
N SER A 265 7.38 -10.11 -6.36
CA SER A 265 6.25 -10.81 -5.77
C SER A 265 6.15 -12.20 -6.38
N GLU A 266 6.20 -13.23 -5.53
CA GLU A 266 5.97 -14.60 -5.94
C GLU A 266 4.55 -15.01 -5.57
N TYR A 267 3.84 -15.62 -6.51
CA TYR A 267 2.46 -16.05 -6.28
C TYR A 267 2.32 -17.50 -6.70
N THR A 268 1.98 -18.37 -5.74
CA THR A 268 1.72 -19.77 -5.98
C THR A 268 0.29 -20.10 -5.60
N GLY A 269 -0.40 -20.85 -6.45
CA GLY A 269 -1.72 -21.34 -6.14
C GLY A 269 -2.78 -20.80 -7.07
N ASN A 270 -4.03 -21.09 -6.73
CA ASN A 270 -5.15 -20.71 -7.59
C ASN A 270 -5.43 -19.23 -7.50
N TYR A 271 -6.09 -18.71 -8.53
CA TYR A 271 -6.55 -17.33 -8.58
C TYR A 271 -7.26 -16.95 -7.29
N GLN A 272 -6.76 -15.90 -6.63
CA GLN A 272 -7.32 -15.32 -5.42
C GLN A 272 -7.11 -16.20 -4.19
N CYS A 273 -7.11 -17.53 -4.34
CA CYS A 273 -6.95 -18.43 -3.21
C CYS A 273 -5.49 -18.69 -2.85
N GLY A 274 -4.54 -18.15 -3.62
CA GLY A 274 -3.12 -18.46 -3.45
C GLY A 274 -2.47 -17.81 -2.25
N HIS A 275 -1.15 -17.68 -2.34
CA HIS A 275 -0.30 -17.20 -1.25
C HIS A 275 0.88 -16.45 -1.85
N TYR A 276 1.18 -15.28 -1.28
CA TYR A 276 2.28 -14.44 -1.75
C TYR A 276 3.55 -14.71 -0.95
N LYS A 277 4.68 -14.62 -1.64
CA LYS A 277 6.00 -14.57 -1.02
C LYS A 277 6.76 -13.40 -1.62
N HIS A 278 7.77 -12.93 -0.89
CA HIS A 278 8.53 -11.74 -1.25
C HIS A 278 9.99 -12.11 -1.48
N ILE A 279 10.52 -11.71 -2.64
CA ILE A 279 11.92 -11.92 -3.00
C ILE A 279 12.59 -10.55 -3.08
N THR A 280 13.74 -10.41 -2.43
CA THR A 280 14.50 -9.18 -2.46
C THR A 280 15.97 -9.49 -2.71
N SER A 281 16.62 -8.62 -3.49
CA SER A 281 18.02 -8.79 -3.88
C SER A 281 18.91 -7.95 -2.98
N LYS A 282 19.73 -8.62 -2.18
CA LYS A 282 20.73 -7.95 -1.35
C LYS A 282 22.12 -8.41 -1.79
N GLU A 283 22.99 -8.75 -0.82
CA GLU A 283 24.25 -9.39 -1.18
C GLU A 283 23.99 -10.73 -1.86
N THR A 284 22.89 -11.39 -1.48
CA THR A 284 22.38 -12.57 -2.16
C THR A 284 20.85 -12.44 -2.23
N LEU A 285 20.20 -13.42 -2.84
CA LEU A 285 18.75 -13.39 -2.95
C LEU A 285 18.12 -13.91 -1.67
N TYR A 286 17.17 -13.14 -1.13
CA TYR A 286 16.45 -13.51 0.08
C TYR A 286 14.98 -13.70 -0.23
N CYS A 287 14.36 -14.67 0.45
CA CYS A 287 12.92 -14.93 0.33
C CYS A 287 12.28 -14.74 1.70
N ILE A 288 11.31 -13.84 1.77
CA ILE A 288 10.60 -13.53 3.02
C ILE A 288 9.17 -14.02 2.89
N ASP A 289 8.81 -15.02 3.70
CA ASP A 289 7.48 -15.59 3.74
C ASP A 289 6.93 -15.34 5.15
N GLY A 290 6.40 -14.15 5.36
CA GLY A 290 5.91 -13.76 6.67
C GLY A 290 7.04 -13.63 7.67
N ALA A 291 7.11 -14.57 8.62
CA ALA A 291 8.18 -14.61 9.59
C ALA A 291 9.35 -15.49 9.16
N LEU A 292 9.23 -16.20 8.04
CA LEU A 292 10.23 -17.15 7.59
C LEU A 292 11.17 -16.49 6.60
N LEU A 293 12.46 -16.82 6.71
CA LEU A 293 13.49 -16.28 5.83
C LEU A 293 14.33 -17.43 5.27
N THR A 294 14.53 -17.40 3.95
CA THR A 294 15.46 -18.31 3.28
C THR A 294 16.28 -17.50 2.28
N LYS A 295 17.46 -18.02 1.96
CA LYS A 295 18.32 -17.34 1.00
C LYS A 295 18.93 -18.35 0.03
N SER A 296 19.24 -17.87 -1.17
CA SER A 296 19.88 -18.65 -2.21
C SER A 296 20.55 -17.70 -3.19
N SER A 297 21.49 -18.24 -3.97
CA SER A 297 22.20 -17.40 -4.93
C SER A 297 21.43 -17.28 -6.24
N GLU A 298 20.59 -18.26 -6.56
CA GLU A 298 19.76 -18.21 -7.75
C GLU A 298 18.30 -18.40 -7.36
N TYR A 299 17.41 -18.02 -8.28
CA TYR A 299 15.99 -18.17 -8.04
C TYR A 299 15.25 -18.35 -9.36
N LYS A 300 14.44 -19.41 -9.42
CA LYS A 300 13.45 -19.59 -10.47
C LYS A 300 12.14 -20.00 -9.80
N GLY A 301 11.05 -19.34 -10.18
CA GLY A 301 9.76 -19.57 -9.57
C GLY A 301 8.70 -18.68 -10.18
N PRO A 302 7.45 -18.81 -9.70
CA PRO A 302 6.34 -18.04 -10.28
C PRO A 302 6.30 -16.63 -9.75
N ILE A 303 6.60 -15.67 -10.64
CA ILE A 303 6.70 -14.26 -10.28
C ILE A 303 5.61 -13.49 -11.01
N THR A 304 5.05 -12.48 -10.33
CA THR A 304 3.98 -11.66 -10.91
C THR A 304 4.22 -10.17 -10.82
N ASP A 305 5.12 -9.70 -9.95
CA ASP A 305 5.52 -8.30 -9.91
C ASP A 305 7.03 -8.25 -9.74
N VAL A 306 7.68 -7.29 -10.41
CA VAL A 306 9.10 -7.03 -10.21
C VAL A 306 9.30 -5.52 -10.13
N PHE A 307 10.02 -5.06 -9.11
CA PHE A 307 10.30 -3.66 -8.88
C PHE A 307 11.76 -3.35 -9.23
N TYR A 308 11.96 -2.25 -9.95
CA TYR A 308 13.29 -1.83 -10.38
C TYR A 308 13.55 -0.40 -9.93
N LYS A 309 14.83 -0.08 -9.76
CA LYS A 309 15.26 1.27 -9.48
C LYS A 309 15.41 2.07 -10.78
N GLU A 310 15.26 3.39 -10.66
CA GLU A 310 15.29 4.27 -11.81
C GLU A 310 15.51 5.69 -11.33
N ASN A 311 16.00 6.54 -12.24
CA ASN A 311 16.13 7.96 -11.96
C ASN A 311 15.75 8.75 -13.21
N SER A 312 16.61 8.73 -14.22
CA SER A 312 16.31 9.31 -15.51
C SER A 312 16.86 8.40 -16.58
N TYR A 313 15.98 7.93 -17.47
CA TYR A 313 16.36 7.04 -18.56
C TYR A 313 15.86 7.63 -19.87
N THR A 314 16.71 7.62 -20.88
CA THR A 314 16.35 8.04 -22.24
C THR A 314 16.91 7.01 -23.21
N THR A 315 16.07 6.56 -24.13
CA THR A 315 16.43 5.46 -25.02
C THR A 315 17.43 5.92 -26.07
N THR A 316 18.05 4.93 -26.72
CA THR A 316 19.00 5.16 -27.79
C THR A 316 18.50 4.62 -29.13
N ILE A 317 17.21 4.31 -29.23
CA ILE A 317 16.62 3.87 -30.48
C ILE A 317 16.27 5.09 -31.32
N LYS A 318 16.64 5.05 -32.60
CA LYS A 318 16.46 6.19 -33.49
C LYS A 318 15.00 6.32 -33.95
#